data_7EC8
#
_entry.id   7EC8
#
_cell.length_a   71.050
_cell.length_b   72.490
_cell.length_c   98.110
_cell.angle_alpha   90.000
_cell.angle_beta   90.000
_cell.angle_gamma   90.000
#
_symmetry.space_group_name_H-M   'P 21 21 21'
#
loop_
_entity.id
_entity.type
_entity.pdbx_description
1 polymer LipIAF5-2
2 non-polymer 1,2-ETHANEDIOL
3 non-polymer 'SULFATE ION'
4 water water
#
_entity_poly.entity_id   1
_entity_poly.type   'polypeptide(L)'
_entity_poly.pdbx_seq_one_letter_code
;ANPPGGDPDPGCQTDCNYQRGPDPTDAYLEAASGPYTVSTIRVSSLVPGFGGGTIHYPTNAGGGKMAGIVVIPGYLSRES
SIKWWGPRLASHGFVVMTIDTNTIYDQPSQRRDQIEAALQYLVNQSNSSSSPISGMVDSSRLAAVGWSMGGGGTLQLAAD
GGIKAAIALAPWNSSINDFNRIQVPTLIFACQLDAIAPVALHASPFYNRIPNTTPKAFFEMTGGDHWCANGGNIYSALLG
KYGVSWMKLHLDQDTRYAPFLCGPNHAAQTLISEYRGNCPYENLYFQGHHHHHH
;
_entity_poly.pdbx_strand_id   A,B
#
loop_
_chem_comp.id
_chem_comp.type
_chem_comp.name
_chem_comp.formula
EDO non-polymer 1,2-ETHANEDIOL 'C2 H6 O2'
SO4 non-polymer 'SULFATE ION' 'O4 S -2'
#
# COMPACT_ATOMS: atom_id res chain seq x y z
N TYR A 18 -35.90 -5.29 -17.00
CA TYR A 18 -34.94 -4.28 -16.50
C TYR A 18 -34.07 -3.65 -17.58
N GLN A 19 -34.24 -4.07 -18.83
CA GLN A 19 -33.41 -3.54 -19.92
C GLN A 19 -33.82 -2.12 -20.26
N ARG A 20 -32.84 -1.26 -20.53
CA ARG A 20 -33.14 0.08 -20.99
C ARG A 20 -32.07 0.52 -21.98
N GLY A 21 -32.45 1.49 -22.83
CA GLY A 21 -31.49 2.25 -23.60
C GLY A 21 -31.10 1.61 -24.93
N PRO A 22 -30.25 2.30 -25.68
CA PRO A 22 -29.81 1.86 -27.01
C PRO A 22 -29.13 0.51 -27.09
N ASP A 23 -29.22 -0.12 -28.26
CA ASP A 23 -28.53 -1.37 -28.53
C ASP A 23 -27.07 -0.98 -28.52
N PRO A 24 -26.25 -1.64 -27.70
CA PRO A 24 -24.85 -1.23 -27.63
C PRO A 24 -23.95 -1.65 -28.81
N THR A 25 -22.88 -0.89 -28.98
CA THR A 25 -21.84 -1.14 -29.97
C THR A 25 -20.49 -0.91 -29.29
N ASP A 26 -19.41 -1.37 -29.89
CA ASP A 26 -18.09 -1.20 -29.28
C ASP A 26 -17.77 0.27 -29.08
N ALA A 27 -17.96 1.11 -30.12
CA ALA A 27 -17.62 2.53 -29.99
C ALA A 27 -18.46 3.20 -28.91
N TYR A 28 -19.72 2.84 -28.82
CA TYR A 28 -20.61 3.41 -27.81
C TYR A 28 -20.17 3.05 -26.40
N LEU A 29 -19.66 1.83 -26.20
CA LEU A 29 -19.17 1.31 -24.93
C LEU A 29 -17.76 1.79 -24.59
N GLU A 30 -16.93 2.15 -25.59
CA GLU A 30 -15.61 2.67 -25.33
C GLU A 30 -15.57 4.17 -25.12
N ALA A 31 -16.64 4.90 -25.48
CA ALA A 31 -16.66 6.35 -25.33
C ALA A 31 -16.59 6.76 -23.86
N ALA A 32 -16.09 7.98 -23.63
CA ALA A 32 -15.88 8.45 -22.26
C ALA A 32 -17.17 8.59 -21.48
N SER A 33 -18.32 8.77 -22.15
CA SER A 33 -19.62 8.84 -21.48
C SER A 33 -20.64 7.96 -22.19
N GLY A 34 -21.53 7.35 -21.41
CA GLY A 34 -22.74 6.77 -21.95
C GLY A 34 -23.71 7.87 -22.34
N PRO A 35 -24.92 7.45 -22.77
CA PRO A 35 -25.86 8.43 -23.34
C PRO A 35 -26.60 9.33 -22.37
N TYR A 36 -26.62 9.02 -21.07
CA TYR A 36 -27.46 9.80 -20.16
C TYR A 36 -26.67 10.92 -19.50
N THR A 37 -27.40 12.00 -19.20
CA THR A 37 -26.88 13.13 -18.45
C THR A 37 -26.83 12.76 -16.97
N VAL A 38 -25.70 13.05 -16.33
CA VAL A 38 -25.42 12.59 -14.96
C VAL A 38 -25.39 13.80 -14.02
N SER A 39 -26.23 13.75 -13.00
CA SER A 39 -26.24 14.72 -11.90
C SER A 39 -25.58 14.12 -10.66
N THR A 40 -25.21 14.98 -9.71
CA THR A 40 -24.52 14.50 -8.51
C THR A 40 -25.08 15.16 -7.27
N ILE A 41 -24.96 14.47 -6.14
CA ILE A 41 -25.19 15.07 -4.82
C ILE A 41 -24.07 14.69 -3.85
N ARG A 42 -23.61 15.67 -3.07
CA ARG A 42 -22.58 15.40 -2.06
C ARG A 42 -23.20 14.73 -0.84
N VAL A 43 -22.58 13.63 -0.39
CA VAL A 43 -22.94 12.96 0.85
C VAL A 43 -21.91 13.37 1.90
N SER A 44 -22.40 13.98 2.98
CA SER A 44 -21.54 14.53 4.02
C SER A 44 -20.68 13.43 4.65
N SER A 45 -19.45 13.82 4.99
CA SER A 45 -18.52 12.96 5.72
C SER A 45 -19.01 12.60 7.10
N LEU A 46 -20.11 13.20 7.58
N LEU A 46 -20.11 13.20 7.57
CA LEU A 46 -20.70 12.89 8.88
CA LEU A 46 -20.70 12.91 8.86
C LEU A 46 -21.79 11.82 8.78
C LEU A 46 -21.80 11.84 8.77
N VAL A 47 -22.00 11.22 7.61
CA VAL A 47 -23.01 10.16 7.46
C VAL A 47 -22.64 8.95 8.33
N PRO A 48 -23.62 8.25 8.92
CA PRO A 48 -23.28 7.06 9.73
C PRO A 48 -22.77 5.90 8.86
N GLY A 49 -21.72 5.21 9.34
CA GLY A 49 -21.33 3.92 8.80
C GLY A 49 -20.31 3.94 7.67
N PHE A 50 -19.95 5.11 7.15
CA PHE A 50 -18.88 5.26 6.14
C PHE A 50 -18.45 6.73 6.13
N GLY A 51 -17.59 7.10 5.18
CA GLY A 51 -16.97 8.42 5.22
C GLY A 51 -17.59 9.49 4.33
N GLY A 52 -18.78 9.27 3.79
CA GLY A 52 -19.38 10.21 2.84
C GLY A 52 -19.00 9.87 1.41
N GLY A 53 -19.35 10.78 0.49
CA GLY A 53 -19.03 10.49 -0.91
C GLY A 53 -19.86 11.35 -1.86
N THR A 54 -20.12 10.79 -3.06
CA THR A 54 -20.90 11.47 -4.09
C THR A 54 -21.86 10.48 -4.73
N ILE A 55 -23.17 10.79 -4.75
CA ILE A 55 -24.15 10.00 -5.51
C ILE A 55 -24.22 10.57 -6.93
N HIS A 56 -24.04 9.69 -7.92
CA HIS A 56 -24.13 10.02 -9.34
C HIS A 56 -25.39 9.34 -9.86
N TYR A 57 -26.22 10.07 -10.62
CA TYR A 57 -27.43 9.44 -11.10
C TYR A 57 -27.81 10.05 -12.44
N PRO A 58 -28.40 9.25 -13.34
CA PRO A 58 -28.82 9.80 -14.64
C PRO A 58 -30.16 10.52 -14.49
N THR A 59 -30.30 11.63 -15.22
CA THR A 59 -31.51 12.44 -15.18
C THR A 59 -32.52 12.06 -16.24
N ASN A 60 -32.11 11.38 -17.31
N ASN A 60 -32.11 11.34 -17.27
CA ASN A 60 -33.01 11.07 -18.42
CA ASN A 60 -32.99 11.10 -18.42
C ASN A 60 -32.85 9.60 -18.82
C ASN A 60 -33.00 9.63 -18.83
N ALA A 61 -33.05 8.70 -17.86
CA ALA A 61 -32.94 7.27 -18.12
C ALA A 61 -34.29 6.56 -18.25
N GLY A 62 -35.42 7.26 -18.23
CA GLY A 62 -36.66 6.70 -18.76
C GLY A 62 -37.82 6.44 -17.81
N GLY A 63 -37.66 6.61 -16.51
CA GLY A 63 -38.77 6.45 -15.57
C GLY A 63 -38.74 5.18 -14.74
N GLY A 64 -38.04 4.13 -15.20
CA GLY A 64 -37.93 2.90 -14.44
C GLY A 64 -36.89 2.96 -13.32
N LYS A 65 -37.05 2.12 -12.30
CA LYS A 65 -36.04 2.05 -11.24
C LYS A 65 -34.75 1.44 -11.79
N MET A 66 -33.65 1.70 -11.09
CA MET A 66 -32.32 1.27 -11.50
C MET A 66 -31.61 0.54 -10.37
N ALA A 67 -30.65 -0.28 -10.73
CA ALA A 67 -29.77 -0.88 -9.75
C ALA A 67 -28.87 0.19 -9.12
N GLY A 68 -28.48 -0.07 -7.88
CA GLY A 68 -27.61 0.81 -7.09
C GLY A 68 -26.25 0.17 -6.89
N ILE A 69 -25.20 0.98 -7.02
CA ILE A 69 -23.80 0.54 -7.01
C ILE A 69 -22.99 1.44 -6.07
N VAL A 70 -22.17 0.83 -5.21
CA VAL A 70 -21.22 1.56 -4.39
C VAL A 70 -19.81 1.26 -4.90
N VAL A 71 -18.97 2.31 -5.00
CA VAL A 71 -17.57 2.22 -5.45
C VAL A 71 -16.70 2.65 -4.27
N ILE A 72 -15.75 1.80 -3.89
CA ILE A 72 -14.98 2.01 -2.65
C ILE A 72 -13.46 1.92 -2.88
N PRO A 73 -12.65 2.82 -2.32
CA PRO A 73 -11.19 2.66 -2.30
C PRO A 73 -10.77 1.59 -1.27
N GLY A 74 -9.48 1.23 -1.22
CA GLY A 74 -8.41 1.72 -2.05
C GLY A 74 -7.10 1.35 -1.37
N TYR A 75 -5.99 1.97 -1.80
CA TYR A 75 -4.70 1.84 -1.14
C TYR A 75 -4.31 3.20 -0.54
N LEU A 76 -4.50 3.34 0.77
CA LEU A 76 -4.22 4.56 1.54
C LEU A 76 -4.76 5.80 0.83
N SER A 77 -5.99 5.70 0.30
CA SER A 77 -6.50 6.73 -0.58
C SER A 77 -7.97 7.06 -0.30
N ARG A 78 -8.41 8.19 -0.84
N ARG A 78 -8.38 8.18 -0.88
CA ARG A 78 -9.76 8.68 -0.60
CA ARG A 78 -9.69 8.80 -0.70
C ARG A 78 -10.61 8.50 -1.86
C ARG A 78 -10.62 8.48 -1.87
N GLU A 79 -11.85 8.98 -1.75
CA GLU A 79 -12.84 8.83 -2.83
C GLU A 79 -12.30 9.23 -4.18
N SER A 80 -11.48 10.30 -4.23
CA SER A 80 -10.99 10.78 -5.52
C SER A 80 -10.30 9.71 -6.35
N SER A 81 -9.68 8.70 -5.69
CA SER A 81 -8.92 7.68 -6.41
C SER A 81 -9.81 6.82 -7.33
N ILE A 82 -11.08 6.65 -6.99
CA ILE A 82 -11.99 5.77 -7.73
C ILE A 82 -13.16 6.54 -8.35
N LYS A 83 -13.17 7.87 -8.23
N LYS A 83 -13.19 7.86 -8.24
CA LYS A 83 -14.32 8.68 -8.64
CA LYS A 83 -14.37 8.64 -8.64
C LYS A 83 -14.70 8.50 -10.11
C LYS A 83 -14.69 8.56 -10.13
N TRP A 84 -13.72 8.24 -10.99
CA TRP A 84 -13.96 8.07 -12.42
C TRP A 84 -15.08 7.06 -12.71
N TRP A 85 -15.19 6.02 -11.88
CA TRP A 85 -16.22 5.00 -12.07
C TRP A 85 -17.64 5.52 -11.85
N GLY A 86 -17.79 6.61 -11.07
CA GLY A 86 -19.10 7.20 -10.85
C GLY A 86 -19.86 7.60 -12.11
N PRO A 87 -19.32 8.56 -12.86
CA PRO A 87 -20.00 8.99 -14.10
C PRO A 87 -19.97 7.91 -15.17
N ARG A 88 -18.90 7.11 -15.24
CA ARG A 88 -18.82 6.11 -16.29
C ARG A 88 -19.96 5.11 -16.19
N LEU A 89 -20.25 4.63 -14.96
CA LEU A 89 -21.35 3.70 -14.78
C LEU A 89 -22.70 4.43 -14.84
N ALA A 90 -22.81 5.59 -14.13
CA ALA A 90 -24.13 6.22 -14.01
C ALA A 90 -24.66 6.67 -15.36
N SER A 91 -23.79 7.08 -16.28
CA SER A 91 -24.20 7.56 -17.61
C SER A 91 -24.74 6.45 -18.49
N HIS A 92 -24.67 5.20 -18.04
CA HIS A 92 -25.26 4.06 -18.72
C HIS A 92 -26.51 3.53 -18.03
N GLY A 93 -26.99 4.19 -16.96
CA GLY A 93 -28.27 3.84 -16.34
C GLY A 93 -28.19 3.12 -15.01
N PHE A 94 -27.36 3.64 -14.09
CA PHE A 94 -27.25 3.13 -12.72
C PHE A 94 -27.15 4.30 -11.74
N VAL A 95 -27.57 4.07 -10.50
CA VAL A 95 -27.32 5.04 -9.42
C VAL A 95 -26.06 4.59 -8.70
N VAL A 96 -25.03 5.43 -8.69
CA VAL A 96 -23.69 5.00 -8.35
C VAL A 96 -23.12 5.96 -7.33
N MET A 97 -22.77 5.46 -6.12
CA MET A 97 -22.19 6.28 -5.06
C MET A 97 -20.73 5.91 -4.88
N THR A 98 -19.83 6.87 -5.18
CA THR A 98 -18.40 6.73 -4.87
C THR A 98 -18.17 7.22 -3.45
N ILE A 99 -17.40 6.47 -2.64
CA ILE A 99 -17.35 6.76 -1.20
C ILE A 99 -15.93 6.95 -0.68
N ASP A 100 -15.85 7.65 0.45
CA ASP A 100 -14.74 7.56 1.40
C ASP A 100 -15.07 6.51 2.46
N THR A 101 -14.01 5.91 3.02
CA THR A 101 -14.16 5.10 4.22
C THR A 101 -13.95 5.96 5.48
N ASN A 102 -14.14 5.33 6.64
CA ASN A 102 -13.98 6.02 7.92
C ASN A 102 -12.57 6.58 8.08
N THR A 103 -11.54 5.77 7.78
CA THR A 103 -10.15 6.23 7.67
C THR A 103 -9.48 5.56 6.48
N ILE A 104 -8.36 6.14 6.03
CA ILE A 104 -7.62 5.54 4.91
C ILE A 104 -6.94 4.25 5.30
N TYR A 105 -6.82 3.96 6.61
CA TYR A 105 -6.11 2.79 7.11
C TYR A 105 -7.00 1.58 7.29
N ASP A 106 -8.32 1.69 7.06
CA ASP A 106 -9.23 0.60 7.38
C ASP A 106 -8.87 -0.68 6.62
N GLN A 107 -9.06 -1.83 7.28
CA GLN A 107 -8.70 -3.10 6.67
C GLN A 107 -9.86 -3.66 5.83
N PRO A 108 -9.62 -4.72 5.03
CA PRO A 108 -10.68 -5.18 4.10
C PRO A 108 -12.00 -5.57 4.77
N SER A 109 -11.98 -6.20 5.95
CA SER A 109 -13.26 -6.56 6.58
C SER A 109 -14.03 -5.33 7.07
N GLN A 110 -13.33 -4.30 7.54
CA GLN A 110 -13.99 -3.02 7.84
C GLN A 110 -14.59 -2.42 6.57
N ARG A 111 -13.86 -2.50 5.44
CA ARG A 111 -14.36 -2.01 4.17
C ARG A 111 -15.63 -2.75 3.74
N ARG A 112 -15.65 -4.08 3.93
N ARG A 112 -15.65 -4.07 3.90
CA ARG A 112 -16.85 -4.88 3.64
CA ARG A 112 -16.88 -4.84 3.62
C ARG A 112 -18.07 -4.35 4.41
C ARG A 112 -18.06 -4.25 4.39
N ASP A 113 -17.90 -4.04 5.69
CA ASP A 113 -19.01 -3.51 6.49
C ASP A 113 -19.46 -2.15 5.97
N GLN A 114 -18.51 -1.31 5.54
CA GLN A 114 -18.82 0.02 5.05
C GLN A 114 -19.53 -0.01 3.70
N ILE A 115 -19.17 -0.95 2.81
CA ILE A 115 -19.98 -1.17 1.60
C ILE A 115 -21.44 -1.44 1.96
N GLU A 116 -21.67 -2.33 2.93
N GLU A 116 -21.67 -2.33 2.93
CA GLU A 116 -23.03 -2.68 3.32
CA GLU A 116 -23.05 -2.67 3.29
C GLU A 116 -23.78 -1.47 3.86
C GLU A 116 -23.78 -1.47 3.85
N ALA A 117 -23.12 -0.69 4.71
CA ALA A 117 -23.75 0.52 5.25
C ALA A 117 -24.03 1.55 4.15
N ALA A 118 -23.14 1.64 3.17
CA ALA A 118 -23.32 2.63 2.11
C ALA A 118 -24.46 2.22 1.19
N LEU A 119 -24.60 0.91 0.92
CA LEU A 119 -25.73 0.43 0.11
C LEU A 119 -27.05 0.68 0.82
N GLN A 120 -27.06 0.48 2.13
CA GLN A 120 -28.27 0.75 2.89
C GLN A 120 -28.60 2.23 2.88
N TYR A 121 -27.58 3.09 2.97
CA TYR A 121 -27.80 4.53 2.88
C TYR A 121 -28.46 4.89 1.56
N LEU A 122 -27.98 4.30 0.46
N LEU A 122 -27.98 4.30 0.46
CA LEU A 122 -28.55 4.55 -0.85
CA LEU A 122 -28.56 4.55 -0.85
C LEU A 122 -30.02 4.14 -0.93
C LEU A 122 -30.03 4.16 -0.90
N VAL A 123 -30.34 2.95 -0.42
CA VAL A 123 -31.72 2.52 -0.31
C VAL A 123 -32.54 3.50 0.51
N ASN A 124 -32.01 3.93 1.66
CA ASN A 124 -32.72 4.86 2.54
C ASN A 124 -33.02 6.17 1.83
N GLN A 125 -32.07 6.69 1.06
CA GLN A 125 -32.28 7.94 0.35
C GLN A 125 -33.32 7.79 -0.76
N SER A 126 -33.29 6.68 -1.49
CA SER A 126 -34.33 6.40 -2.47
C SER A 126 -35.71 6.31 -1.81
N ASN A 127 -35.78 5.77 -0.59
CA ASN A 127 -37.06 5.61 0.11
C ASN A 127 -37.55 6.89 0.78
N SER A 128 -36.74 7.94 0.81
N SER A 128 -36.75 7.97 0.73
CA SER A 128 -37.15 9.20 1.38
CA SER A 128 -37.05 9.27 1.32
C SER A 128 -37.99 9.99 0.38
C SER A 128 -37.80 10.16 0.34
N SER A 129 -38.63 11.04 0.88
CA SER A 129 -39.46 11.92 0.07
C SER A 129 -38.74 13.15 -0.42
N SER A 130 -37.56 13.47 0.14
CA SER A 130 -36.88 14.73 -0.14
C SER A 130 -35.54 14.58 -0.85
N SER A 131 -35.03 13.36 -1.02
CA SER A 131 -33.76 13.17 -1.71
C SER A 131 -33.93 13.38 -3.21
N PRO A 132 -32.93 13.95 -3.90
CA PRO A 132 -33.00 13.98 -5.39
C PRO A 132 -33.15 12.61 -6.04
N ILE A 133 -32.74 11.53 -5.37
CA ILE A 133 -32.87 10.17 -5.91
C ILE A 133 -34.12 9.43 -5.40
N SER A 134 -35.09 10.16 -4.83
CA SER A 134 -36.35 9.58 -4.36
C SER A 134 -36.95 8.69 -5.45
N GLY A 135 -37.22 7.44 -5.09
CA GLY A 135 -37.86 6.47 -5.96
C GLY A 135 -36.97 5.73 -6.96
N MET A 136 -35.69 6.10 -7.11
CA MET A 136 -34.90 5.68 -8.26
C MET A 136 -34.23 4.32 -8.08
N VAL A 137 -34.01 3.85 -6.86
CA VAL A 137 -33.22 2.63 -6.64
C VAL A 137 -34.12 1.42 -6.41
N ASP A 138 -33.85 0.34 -7.15
CA ASP A 138 -34.45 -0.96 -6.86
C ASP A 138 -33.59 -1.65 -5.80
N SER A 139 -34.11 -1.73 -4.57
CA SER A 139 -33.33 -2.26 -3.45
C SER A 139 -33.01 -3.75 -3.58
N SER A 140 -33.63 -4.46 -4.52
CA SER A 140 -33.29 -5.85 -4.77
C SER A 140 -32.14 -6.02 -5.75
N ARG A 141 -31.59 -4.94 -6.31
CA ARG A 141 -30.52 -5.03 -7.33
C ARG A 141 -29.38 -4.10 -6.95
N LEU A 142 -28.45 -4.61 -6.15
CA LEU A 142 -27.36 -3.82 -5.60
C LEU A 142 -26.03 -4.45 -6.00
N ALA A 143 -24.96 -3.62 -6.08
CA ALA A 143 -23.66 -4.13 -6.52
C ALA A 143 -22.56 -3.30 -5.90
N ALA A 144 -21.32 -3.83 -6.00
CA ALA A 144 -20.16 -3.16 -5.43
C ALA A 144 -18.98 -3.24 -6.40
N VAL A 145 -18.18 -2.15 -6.44
CA VAL A 145 -16.91 -2.06 -7.17
C VAL A 145 -15.87 -1.59 -6.16
N GLY A 146 -14.74 -2.31 -6.07
CA GLY A 146 -13.75 -1.88 -5.07
C GLY A 146 -12.34 -2.00 -5.57
N TRP A 147 -11.50 -1.01 -5.24
CA TRP A 147 -10.08 -1.02 -5.59
C TRP A 147 -9.26 -1.50 -4.38
N SER A 148 -8.29 -2.40 -4.65
CA SER A 148 -7.21 -2.71 -3.68
C SER A 148 -7.83 -3.30 -2.43
N MET A 149 -7.60 -2.72 -1.25
CA MET A 149 -8.19 -3.25 -0.03
C MET A 149 -9.71 -3.18 -0.07
N GLY A 150 -10.27 -2.20 -0.80
CA GLY A 150 -11.71 -2.17 -1.03
C GLY A 150 -12.18 -3.25 -1.98
N GLY A 151 -11.32 -3.71 -2.90
CA GLY A 151 -11.58 -4.91 -3.68
C GLY A 151 -11.63 -6.18 -2.82
N GLY A 152 -10.72 -6.31 -1.85
CA GLY A 152 -10.87 -7.39 -0.88
C GLY A 152 -12.19 -7.33 -0.12
N GLY A 153 -12.56 -6.13 0.36
CA GLY A 153 -13.85 -5.98 1.00
C GLY A 153 -15.02 -6.35 0.11
N THR A 154 -14.92 -6.02 -1.19
CA THR A 154 -15.99 -6.33 -2.18
C THR A 154 -16.12 -7.85 -2.36
N LEU A 155 -14.98 -8.55 -2.47
CA LEU A 155 -15.00 -10.00 -2.62
C LEU A 155 -15.53 -10.68 -1.35
N GLN A 156 -15.21 -10.12 -0.19
CA GLN A 156 -15.76 -10.64 1.08
C GLN A 156 -17.28 -10.49 1.12
N LEU A 157 -17.79 -9.35 0.65
CA LEU A 157 -19.24 -9.15 0.60
C LEU A 157 -19.87 -10.09 -0.42
N ALA A 158 -19.21 -10.29 -1.58
CA ALA A 158 -19.69 -11.26 -2.57
C ALA A 158 -19.78 -12.67 -2.00
N ALA A 159 -18.82 -13.06 -1.16
CA ALA A 159 -18.83 -14.39 -0.53
C ALA A 159 -20.01 -14.56 0.42
N ASP A 160 -20.46 -13.47 1.03
CA ASP A 160 -21.55 -13.50 1.99
C ASP A 160 -22.91 -13.35 1.33
N GLY A 161 -22.97 -12.97 0.06
N GLY A 161 -22.95 -12.87 0.09
CA GLY A 161 -24.22 -12.68 -0.59
CA GLY A 161 -24.17 -12.80 -0.68
C GLY A 161 -24.75 -11.32 -0.21
C GLY A 161 -24.96 -11.51 -0.62
N GLY A 162 -25.82 -10.92 -0.91
N GLY A 162 -24.31 -10.37 -0.39
CA GLY A 162 -26.46 -9.65 -0.69
CA GLY A 162 -25.05 -9.14 -0.20
C GLY A 162 -26.22 -8.63 -1.78
C GLY A 162 -25.25 -8.26 -1.42
N ILE A 163 -25.20 -8.83 -2.64
CA ILE A 163 -25.06 -8.05 -3.89
C ILE A 163 -25.32 -9.00 -5.06
N LYS A 164 -25.69 -8.42 -6.20
N LYS A 164 -25.69 -8.43 -6.20
CA LYS A 164 -26.00 -9.20 -7.40
CA LYS A 164 -25.99 -9.21 -7.41
C LYS A 164 -24.85 -9.18 -8.42
C LYS A 164 -24.86 -9.16 -8.43
N ALA A 165 -23.86 -8.31 -8.24
CA ALA A 165 -22.66 -8.29 -9.10
C ALA A 165 -21.52 -7.64 -8.32
N ALA A 166 -20.29 -8.00 -8.68
CA ALA A 166 -19.08 -7.49 -8.05
C ALA A 166 -18.04 -7.25 -9.14
N ILE A 167 -17.33 -6.12 -9.03
CA ILE A 167 -16.12 -5.86 -9.80
C ILE A 167 -15.01 -5.55 -8.80
N ALA A 168 -13.87 -6.22 -8.95
CA ALA A 168 -12.69 -5.95 -8.13
C ALA A 168 -11.59 -5.35 -9.01
N LEU A 169 -11.10 -4.18 -8.59
CA LEU A 169 -10.05 -3.44 -9.31
C LEU A 169 -8.76 -3.68 -8.54
N ALA A 170 -7.83 -4.44 -9.14
CA ALA A 170 -6.55 -4.75 -8.49
C ALA A 170 -6.70 -5.16 -7.00
N PRO A 171 -7.50 -6.20 -6.72
CA PRO A 171 -7.83 -6.51 -5.32
C PRO A 171 -6.62 -6.89 -4.50
N TRP A 172 -6.66 -6.48 -3.24
CA TRP A 172 -5.75 -6.94 -2.18
C TRP A 172 -6.60 -7.57 -1.08
N ASN A 173 -6.18 -8.77 -0.62
CA ASN A 173 -6.85 -9.43 0.49
C ASN A 173 -5.92 -10.49 1.07
N SER A 174 -6.13 -10.81 2.34
CA SER A 174 -5.52 -12.00 2.94
C SER A 174 -5.74 -13.23 2.06
N SER A 175 -4.73 -14.11 2.03
N SER A 175 -4.73 -14.12 2.04
CA SER A 175 -4.88 -15.39 1.36
CA SER A 175 -4.88 -15.39 1.36
C SER A 175 -5.87 -16.29 2.08
C SER A 175 -5.77 -16.35 2.12
N ILE A 176 -6.18 -15.99 3.33
CA ILE A 176 -7.19 -16.74 4.10
C ILE A 176 -8.52 -16.05 3.85
N ASN A 177 -9.42 -16.70 3.11
CA ASN A 177 -10.67 -16.05 2.74
C ASN A 177 -11.71 -17.12 2.39
N ASP A 178 -12.95 -16.66 2.19
CA ASP A 178 -14.06 -17.52 1.76
C ASP A 178 -14.44 -17.33 0.30
N PHE A 179 -13.48 -16.94 -0.55
CA PHE A 179 -13.81 -16.65 -1.96
C PHE A 179 -14.28 -17.90 -2.71
N ASN A 180 -14.00 -19.09 -2.17
CA ASN A 180 -14.51 -20.33 -2.78
C ASN A 180 -16.02 -20.48 -2.64
N ARG A 181 -16.68 -19.61 -1.89
N ARG A 181 -16.67 -19.62 -1.89
CA ARG A 181 -18.12 -19.64 -1.73
CA ARG A 181 -18.13 -19.67 -1.75
C ARG A 181 -18.84 -18.53 -2.49
C ARG A 181 -18.86 -18.72 -2.71
N ILE A 182 -18.14 -17.81 -3.37
CA ILE A 182 -18.79 -16.71 -4.11
C ILE A 182 -19.74 -17.26 -5.17
N GLN A 183 -21.04 -16.89 -5.05
CA GLN A 183 -22.03 -17.17 -6.06
C GLN A 183 -22.36 -15.95 -6.92
N VAL A 184 -21.82 -14.79 -6.55
CA VAL A 184 -22.13 -13.51 -7.19
C VAL A 184 -21.28 -13.36 -8.45
N PRO A 185 -21.86 -13.00 -9.61
CA PRO A 185 -21.02 -12.78 -10.82
C PRO A 185 -19.95 -11.74 -10.57
N THR A 186 -18.69 -12.16 -10.74
CA THR A 186 -17.52 -11.38 -10.34
C THR A 186 -16.56 -11.16 -11.51
N LEU A 187 -16.21 -9.90 -11.74
N LEU A 187 -16.26 -9.91 -11.81
CA LEU A 187 -15.24 -9.48 -12.74
CA LEU A 187 -15.22 -9.56 -12.77
C LEU A 187 -14.01 -8.93 -12.02
C LEU A 187 -14.03 -8.99 -11.99
N ILE A 188 -12.83 -9.53 -12.26
CA ILE A 188 -11.58 -9.09 -11.66
C ILE A 188 -10.70 -8.45 -12.71
N PHE A 189 -10.36 -7.17 -12.49
CA PHE A 189 -9.31 -6.50 -13.27
C PHE A 189 -8.00 -6.67 -12.50
N ALA A 190 -7.02 -7.30 -13.14
CA ALA A 190 -5.68 -7.47 -12.58
C ALA A 190 -4.74 -6.49 -13.28
N CYS A 191 -3.75 -5.97 -12.55
CA CYS A 191 -2.78 -5.03 -13.12
C CYS A 191 -1.46 -5.78 -13.23
N GLN A 192 -1.00 -6.01 -14.48
CA GLN A 192 0.04 -7.00 -14.71
C GLN A 192 1.24 -6.82 -13.79
N LEU A 193 1.74 -5.60 -13.64
CA LEU A 193 2.98 -5.36 -12.91
C LEU A 193 2.78 -4.93 -11.47
N ASP A 194 1.57 -5.10 -10.93
CA ASP A 194 1.23 -4.70 -9.57
C ASP A 194 2.24 -5.22 -8.56
N ALA A 195 2.84 -4.31 -7.77
CA ALA A 195 3.74 -4.71 -6.70
C ALA A 195 3.13 -4.58 -5.31
N ILE A 196 2.00 -3.88 -5.16
CA ILE A 196 1.32 -3.77 -3.88
C ILE A 196 0.44 -4.99 -3.63
N ALA A 197 -0.26 -5.45 -4.66
CA ALA A 197 -1.11 -6.65 -4.59
C ALA A 197 -0.71 -7.53 -5.76
N PRO A 198 0.46 -8.16 -5.70
CA PRO A 198 0.95 -8.91 -6.87
C PRO A 198 -0.10 -9.91 -7.37
N VAL A 199 -0.27 -9.95 -8.71
N VAL A 199 -0.30 -9.92 -8.70
CA VAL A 199 -1.33 -10.77 -9.29
CA VAL A 199 -1.32 -10.76 -9.33
C VAL A 199 -1.19 -12.23 -8.92
C VAL A 199 -1.19 -12.22 -8.89
N ALA A 200 0.05 -12.72 -8.74
CA ALA A 200 0.25 -14.13 -8.42
C ALA A 200 -0.20 -14.49 -7.00
N LEU A 201 -0.29 -13.49 -6.10
CA LEU A 201 -0.69 -13.69 -4.72
C LEU A 201 -2.08 -13.18 -4.41
N HIS A 202 -2.69 -12.39 -5.32
CA HIS A 202 -3.99 -11.77 -5.07
C HIS A 202 -4.97 -12.04 -6.20
N ALA A 203 -5.02 -11.18 -7.23
CA ALA A 203 -6.07 -11.28 -8.25
C ALA A 203 -6.17 -12.69 -8.85
N SER A 204 -5.03 -13.30 -9.23
CA SER A 204 -5.10 -14.61 -9.87
C SER A 204 -5.64 -15.71 -8.96
N PRO A 205 -5.08 -15.96 -7.77
CA PRO A 205 -5.67 -17.02 -6.94
C PRO A 205 -7.10 -16.71 -6.51
N PHE A 206 -7.43 -15.43 -6.34
CA PHE A 206 -8.81 -15.11 -5.95
C PHE A 206 -9.77 -15.54 -7.07
N TYR A 207 -9.45 -15.21 -8.30
CA TYR A 207 -10.26 -15.61 -9.46
C TYR A 207 -10.36 -17.12 -9.55
N ASN A 208 -9.24 -17.83 -9.37
CA ASN A 208 -9.25 -19.28 -9.54
C ASN A 208 -10.08 -19.98 -8.47
N ARG A 209 -10.19 -19.38 -7.27
CA ARG A 209 -10.94 -19.97 -6.16
C ARG A 209 -12.45 -19.87 -6.37
N ILE A 210 -12.92 -18.87 -7.12
CA ILE A 210 -14.38 -18.72 -7.31
C ILE A 210 -14.93 -19.95 -8.02
N PRO A 211 -16.06 -20.51 -7.57
CA PRO A 211 -16.63 -21.69 -8.25
C PRO A 211 -16.78 -21.53 -9.76
N ASN A 212 -16.51 -22.63 -10.47
CA ASN A 212 -16.64 -22.64 -11.91
C ASN A 212 -18.08 -22.50 -12.38
N THR A 213 -19.06 -22.71 -11.48
CA THR A 213 -20.47 -22.50 -11.82
C THR A 213 -20.88 -21.04 -11.71
N THR A 214 -20.04 -20.19 -11.13
CA THR A 214 -20.37 -18.78 -10.94
C THR A 214 -19.84 -17.98 -12.12
N PRO A 215 -20.68 -17.20 -12.81
CA PRO A 215 -20.18 -16.35 -13.91
C PRO A 215 -19.03 -15.47 -13.44
N LYS A 216 -17.91 -15.53 -14.16
CA LYS A 216 -16.73 -14.77 -13.77
C LYS A 216 -15.87 -14.42 -14.98
N ALA A 217 -14.98 -13.43 -14.77
CA ALA A 217 -14.06 -12.99 -15.81
C ALA A 217 -12.83 -12.39 -15.14
N PHE A 218 -11.68 -12.55 -15.82
CA PHE A 218 -10.38 -12.05 -15.38
C PHE A 218 -9.74 -11.33 -16.56
N PHE A 219 -9.49 -10.04 -16.41
CA PHE A 219 -8.87 -9.20 -17.44
C PHE A 219 -7.60 -8.62 -16.82
N GLU A 220 -6.43 -9.07 -17.28
CA GLU A 220 -5.16 -8.51 -16.79
C GLU A 220 -4.69 -7.43 -17.76
N MET A 221 -4.35 -6.26 -17.24
CA MET A 221 -4.03 -5.08 -18.04
C MET A 221 -2.51 -4.98 -18.23
N THR A 222 -2.07 -5.01 -19.48
CA THR A 222 -0.64 -5.05 -19.78
C THR A 222 0.11 -3.88 -19.17
N GLY A 223 1.20 -4.17 -18.44
CA GLY A 223 2.04 -3.11 -17.92
C GLY A 223 1.49 -2.35 -16.73
N GLY A 224 0.34 -2.75 -16.19
CA GLY A 224 -0.33 -1.90 -15.21
C GLY A 224 0.28 -1.95 -13.81
N ASP A 225 0.37 -0.80 -13.17
CA ASP A 225 0.69 -0.74 -11.74
C ASP A 225 -0.59 -0.84 -10.91
N HIS A 226 -0.48 -0.74 -9.58
CA HIS A 226 -1.64 -0.99 -8.71
C HIS A 226 -2.81 -0.05 -9.01
N TRP A 227 -2.59 1.11 -9.65
CA TRP A 227 -3.64 2.07 -9.97
C TRP A 227 -4.29 1.83 -11.35
N CYS A 228 -3.92 0.76 -12.04
CA CYS A 228 -4.24 0.68 -13.46
C CYS A 228 -5.74 0.55 -13.72
N ALA A 229 -6.50 -0.03 -12.78
CA ALA A 229 -7.91 -0.26 -13.02
C ALA A 229 -8.80 0.85 -12.48
N ASN A 230 -8.22 2.00 -12.11
CA ASN A 230 -8.96 3.08 -11.49
C ASN A 230 -9.57 4.02 -12.52
N GLY A 231 -9.18 3.87 -13.78
CA GLY A 231 -9.70 4.67 -14.86
C GLY A 231 -8.99 5.99 -15.02
N GLY A 232 -9.46 6.76 -15.98
CA GLY A 232 -8.85 8.06 -16.26
C GLY A 232 -7.43 7.95 -16.77
N ASN A 233 -7.13 6.93 -17.56
CA ASN A 233 -5.74 6.58 -17.86
C ASN A 233 -5.71 5.90 -19.23
N ILE A 234 -4.60 5.22 -19.57
CA ILE A 234 -4.50 4.59 -20.89
C ILE A 234 -5.48 3.45 -21.09
N TYR A 235 -6.03 2.88 -20.00
CA TYR A 235 -6.90 1.70 -20.06
C TYR A 235 -8.39 2.04 -20.06
N SER A 236 -8.74 3.33 -20.12
N SER A 236 -8.73 3.33 -20.03
CA SER A 236 -10.10 3.76 -19.83
CA SER A 236 -10.13 3.75 -19.83
C SER A 236 -11.13 3.14 -20.75
C SER A 236 -11.12 3.07 -20.75
N ALA A 237 -10.81 3.01 -22.04
CA ALA A 237 -11.81 2.51 -22.99
C ALA A 237 -12.19 1.07 -22.69
N LEU A 238 -11.22 0.23 -22.35
CA LEU A 238 -11.48 -1.17 -22.03
C LEU A 238 -12.08 -1.34 -20.63
N LEU A 239 -11.59 -0.63 -19.62
CA LEU A 239 -12.19 -0.72 -18.30
C LEU A 239 -13.67 -0.38 -18.39
N GLY A 240 -14.01 0.71 -19.08
CA GLY A 240 -15.40 1.13 -19.15
C GLY A 240 -16.25 0.16 -19.97
N LYS A 241 -15.73 -0.32 -21.10
CA LYS A 241 -16.52 -1.27 -21.89
C LYS A 241 -16.83 -2.54 -21.10
N TYR A 242 -15.79 -3.15 -20.52
CA TYR A 242 -16.02 -4.42 -19.83
C TYR A 242 -16.81 -4.21 -18.54
N GLY A 243 -16.52 -3.14 -17.78
CA GLY A 243 -17.23 -2.91 -16.52
C GLY A 243 -18.71 -2.58 -16.68
N VAL A 244 -19.04 -1.69 -17.63
CA VAL A 244 -20.45 -1.42 -17.93
C VAL A 244 -21.15 -2.66 -18.46
N SER A 245 -20.49 -3.42 -19.34
CA SER A 245 -21.15 -4.63 -19.84
C SER A 245 -21.45 -5.61 -18.72
N TRP A 246 -20.51 -5.76 -17.76
CA TRP A 246 -20.75 -6.67 -16.64
C TRP A 246 -21.98 -6.26 -15.83
N MET A 247 -22.09 -4.94 -15.53
CA MET A 247 -23.22 -4.48 -14.71
C MET A 247 -24.53 -4.59 -15.49
N LYS A 248 -24.52 -4.24 -16.79
CA LYS A 248 -25.73 -4.40 -17.61
C LYS A 248 -26.18 -5.84 -17.67
N LEU A 249 -25.24 -6.77 -17.90
CA LEU A 249 -25.62 -8.17 -18.08
C LEU A 249 -26.17 -8.74 -16.78
N HIS A 250 -25.49 -8.51 -15.66
CA HIS A 250 -25.87 -9.17 -14.43
C HIS A 250 -26.86 -8.40 -13.58
N LEU A 251 -26.88 -7.07 -13.64
CA LEU A 251 -27.89 -6.33 -12.87
C LEU A 251 -29.20 -6.11 -13.63
N ASP A 252 -29.13 -5.85 -14.93
CA ASP A 252 -30.33 -5.64 -15.73
C ASP A 252 -30.74 -6.87 -16.51
N GLN A 253 -29.99 -7.98 -16.41
CA GLN A 253 -30.25 -9.18 -17.21
C GLN A 253 -30.29 -8.84 -18.71
N ASP A 254 -29.43 -7.93 -19.13
CA ASP A 254 -29.46 -7.38 -20.48
C ASP A 254 -28.46 -8.15 -21.34
N THR A 255 -28.96 -9.19 -22.03
CA THR A 255 -28.12 -10.06 -22.84
C THR A 255 -27.53 -9.36 -24.05
N ARG A 256 -27.99 -8.15 -24.41
CA ARG A 256 -27.35 -7.41 -25.50
C ARG A 256 -25.88 -7.12 -25.17
N TYR A 257 -25.50 -7.12 -23.89
CA TYR A 257 -24.14 -6.82 -23.47
C TYR A 257 -23.25 -8.06 -23.42
N ALA A 258 -23.81 -9.25 -23.52
CA ALA A 258 -22.98 -10.45 -23.49
C ALA A 258 -21.94 -10.53 -24.60
N PRO A 259 -22.23 -10.15 -25.86
CA PRO A 259 -21.21 -10.29 -26.92
C PRO A 259 -19.94 -9.50 -26.67
N PHE A 260 -19.97 -8.46 -25.84
CA PHE A 260 -18.75 -7.72 -25.53
C PHE A 260 -17.84 -8.47 -24.57
N LEU A 261 -18.42 -9.40 -23.80
CA LEU A 261 -17.69 -10.20 -22.83
C LEU A 261 -17.36 -11.60 -23.31
N CYS A 262 -18.19 -12.14 -24.21
CA CYS A 262 -18.12 -13.55 -24.63
C CYS A 262 -18.13 -13.60 -26.15
N GLY A 263 -16.99 -14.01 -26.73
CA GLY A 263 -16.83 -14.05 -28.17
C GLY A 263 -15.51 -13.48 -28.65
N PRO A 264 -15.19 -12.25 -28.26
CA PRO A 264 -13.95 -11.63 -28.76
C PRO A 264 -12.70 -12.31 -28.23
N ASN A 265 -11.62 -12.23 -29.03
CA ASN A 265 -10.30 -12.67 -28.61
C ASN A 265 -9.68 -11.52 -27.82
N HIS A 266 -10.08 -11.42 -26.55
CA HIS A 266 -9.69 -10.27 -25.73
C HIS A 266 -8.17 -10.11 -25.68
N ALA A 267 -7.44 -11.23 -25.57
CA ALA A 267 -5.99 -11.15 -25.40
C ALA A 267 -5.26 -10.79 -26.67
N ALA A 268 -5.95 -10.60 -27.79
CA ALA A 268 -5.28 -10.10 -28.99
C ALA A 268 -5.01 -8.60 -28.91
N GLN A 269 -5.59 -7.91 -27.94
CA GLN A 269 -5.41 -6.47 -27.81
C GLN A 269 -4.16 -6.15 -27.02
N THR A 270 -3.45 -5.09 -27.44
CA THR A 270 -2.21 -4.70 -26.78
C THR A 270 -2.39 -4.61 -25.27
N LEU A 271 -3.48 -4.01 -24.82
CA LEU A 271 -3.66 -3.65 -23.42
C LEU A 271 -4.16 -4.80 -22.56
N ILE A 272 -4.44 -5.99 -23.11
CA ILE A 272 -4.83 -7.17 -22.35
C ILE A 272 -3.70 -8.18 -22.42
N SER A 273 -3.07 -8.47 -21.28
CA SER A 273 -1.96 -9.43 -21.22
C SER A 273 -2.40 -10.83 -20.82
N GLU A 274 -3.60 -10.97 -20.24
CA GLU A 274 -4.18 -12.29 -20.01
C GLU A 274 -5.69 -12.14 -19.84
N TYR A 275 -6.42 -13.13 -20.34
CA TYR A 275 -7.88 -13.19 -20.16
C TYR A 275 -8.25 -14.60 -19.69
N ARG A 276 -9.22 -14.70 -18.77
CA ARG A 276 -9.84 -15.98 -18.39
C ARG A 276 -11.32 -15.73 -18.17
N GLY A 277 -12.13 -16.75 -18.44
CA GLY A 277 -13.55 -16.68 -18.13
C GLY A 277 -14.23 -18.02 -18.33
N ASN A 278 -15.50 -18.06 -17.91
CA ASN A 278 -16.33 -19.24 -18.11
C ASN A 278 -17.59 -18.93 -18.92
N CYS A 279 -17.43 -18.18 -20.01
CA CYS A 279 -18.49 -17.95 -20.98
C CYS A 279 -19.04 -19.28 -21.49
N PRO A 280 -20.33 -19.31 -21.93
CA PRO A 280 -21.31 -18.22 -21.87
C PRO A 280 -21.95 -18.10 -20.50
N TYR A 281 -22.62 -16.98 -20.27
CA TYR A 281 -23.23 -16.73 -18.97
C TYR A 281 -24.74 -16.90 -19.10
N GLU A 282 -25.30 -17.85 -18.38
CA GLU A 282 -26.71 -18.17 -18.52
C GLU A 282 -27.42 -18.12 -17.17
N TYR B 18 34.52 4.07 21.22
CA TYR B 18 33.49 3.17 20.69
C TYR B 18 33.93 2.54 19.37
N GLN B 19 35.14 2.85 18.89
CA GLN B 19 35.54 2.39 17.56
C GLN B 19 35.97 0.94 17.58
N ARG B 20 35.68 0.24 16.48
CA ARG B 20 36.13 -1.14 16.31
C ARG B 20 36.38 -1.39 14.83
N GLY B 21 37.12 -2.48 14.56
CA GLY B 21 37.31 -2.97 13.22
C GLY B 21 38.37 -2.22 12.41
N PRO B 22 38.60 -2.71 11.18
CA PRO B 22 39.68 -2.17 10.32
C PRO B 22 39.33 -0.82 9.73
N ASP B 23 40.37 -0.14 9.24
CA ASP B 23 40.16 1.12 8.56
C ASP B 23 39.37 0.84 7.28
N PRO B 24 38.25 1.50 7.07
CA PRO B 24 37.40 1.17 5.92
C PRO B 24 37.93 1.68 4.59
N THR B 25 37.50 1.01 3.52
CA THR B 25 37.72 1.41 2.14
C THR B 25 36.40 1.28 1.40
N ASP B 26 36.37 1.86 0.19
CA ASP B 26 35.16 1.80 -0.62
C ASP B 26 34.73 0.37 -0.87
N ALA B 27 35.66 -0.48 -1.34
CA ALA B 27 35.30 -1.86 -1.68
C ALA B 27 34.83 -2.61 -0.45
N TYR B 28 35.46 -2.35 0.69
CA TYR B 28 35.09 -3.01 1.95
C TYR B 28 33.67 -2.63 2.37
N LEU B 29 33.29 -1.36 2.18
CA LEU B 29 31.95 -0.88 2.51
C LEU B 29 30.90 -1.32 1.49
N GLU B 30 31.29 -1.60 0.25
CA GLU B 30 30.35 -2.04 -0.77
C GLU B 30 30.13 -3.55 -0.79
N ALA B 31 31.02 -4.32 -0.15
CA ALA B 31 30.89 -5.78 -0.13
C ALA B 31 29.57 -6.20 0.53
N ALA B 32 29.10 -7.39 0.16
CA ALA B 32 27.83 -7.89 0.70
C ALA B 32 27.85 -8.10 2.21
N SER B 33 29.02 -8.34 2.80
CA SER B 33 29.10 -8.53 4.24
C SER B 33 30.27 -7.74 4.82
N GLY B 34 30.09 -7.23 6.04
CA GLY B 34 31.17 -6.72 6.83
C GLY B 34 32.01 -7.86 7.39
N PRO B 35 32.95 -7.50 8.24
CA PRO B 35 33.96 -8.47 8.69
C PRO B 35 33.47 -9.47 9.72
N TYR B 36 32.36 -9.22 10.40
CA TYR B 36 31.93 -10.08 11.51
C TYR B 36 30.86 -11.06 11.06
N THR B 37 30.97 -12.29 11.56
CA THR B 37 29.95 -13.32 11.35
C THR B 37 28.75 -13.00 12.25
N VAL B 38 27.55 -13.20 11.71
CA VAL B 38 26.29 -12.77 12.33
C VAL B 38 25.56 -14.01 12.83
N SER B 39 25.17 -14.00 14.10
CA SER B 39 24.25 -15.00 14.63
C SER B 39 22.86 -14.37 14.73
N THR B 40 21.83 -15.24 14.82
CA THR B 40 20.46 -14.76 14.93
C THR B 40 19.69 -15.43 16.07
N ILE B 41 18.72 -14.69 16.60
CA ILE B 41 17.72 -15.19 17.55
C ILE B 41 16.34 -14.81 17.03
N ARG B 42 15.42 -15.78 16.99
CA ARG B 42 14.05 -15.47 16.64
C ARG B 42 13.32 -14.93 17.86
N VAL B 43 12.66 -13.79 17.71
CA VAL B 43 11.88 -13.16 18.78
C VAL B 43 10.42 -13.44 18.52
N SER B 44 9.79 -14.15 19.46
CA SER B 44 8.40 -14.52 19.40
C SER B 44 7.49 -13.31 19.24
N SER B 45 6.38 -13.49 18.54
CA SER B 45 5.37 -12.43 18.43
C SER B 45 4.60 -12.19 19.73
N LEU B 46 4.89 -12.97 20.78
CA LEU B 46 4.32 -12.77 22.09
C LEU B 46 5.02 -11.69 22.89
N VAL B 47 6.10 -11.11 22.37
N VAL B 47 6.08 -11.10 22.34
CA VAL B 47 6.81 -10.11 23.18
CA VAL B 47 6.81 -10.06 23.08
C VAL B 47 5.95 -8.85 23.29
C VAL B 47 5.91 -8.85 23.28
N PRO B 48 5.91 -8.21 24.43
CA PRO B 48 5.07 -7.01 24.58
C PRO B 48 5.53 -5.84 23.70
N GLY B 49 4.56 -5.21 23.08
CA GLY B 49 4.77 -3.91 22.43
C GLY B 49 5.08 -3.93 20.94
N PHE B 50 5.32 -5.09 20.34
CA PHE B 50 5.56 -5.21 18.89
C PHE B 50 5.35 -6.67 18.50
N GLY B 51 5.51 -6.98 17.21
CA GLY B 51 5.15 -8.29 16.71
C GLY B 51 6.26 -9.31 16.57
N GLY B 52 7.37 -9.12 17.30
CA GLY B 52 8.48 -10.04 17.23
C GLY B 52 9.39 -9.70 16.07
N GLY B 53 10.29 -10.62 15.77
CA GLY B 53 11.24 -10.45 14.65
C GLY B 53 12.50 -11.26 14.86
N THR B 54 13.65 -10.71 14.42
CA THR B 54 14.92 -11.44 14.46
C THR B 54 16.02 -10.52 14.97
N ILE B 55 16.74 -10.93 16.04
CA ILE B 55 17.92 -10.20 16.49
C ILE B 55 19.13 -10.74 15.74
N HIS B 56 19.87 -9.84 15.09
CA HIS B 56 21.11 -10.15 14.38
C HIS B 56 22.24 -9.56 15.21
N TYR B 57 23.27 -10.36 15.53
CA TYR B 57 24.36 -9.85 16.35
C TYR B 57 25.68 -10.54 16.02
N PRO B 58 26.79 -9.81 16.05
CA PRO B 58 28.10 -10.46 15.84
C PRO B 58 28.65 -11.01 17.14
N THR B 59 29.22 -12.23 17.06
CA THR B 59 29.78 -12.84 18.26
C THR B 59 31.28 -12.62 18.38
N ASN B 60 31.91 -12.15 17.27
N ASN B 60 31.96 -12.08 17.39
CA ASN B 60 33.36 -11.97 17.04
CA ASN B 60 33.41 -11.96 17.48
C ASN B 60 33.77 -10.49 16.94
C ASN B 60 33.85 -10.54 17.14
N ALA B 61 33.13 -9.56 17.68
CA ALA B 61 33.36 -8.13 17.44
C ALA B 61 34.22 -7.48 18.52
N GLY B 62 34.91 -8.27 19.31
CA GLY B 62 35.64 -7.79 20.43
C GLY B 62 34.72 -7.84 21.64
N GLY B 63 35.25 -7.44 22.76
CA GLY B 63 34.47 -7.53 23.94
C GLY B 63 33.69 -6.29 24.29
N GLY B 64 33.73 -5.25 23.45
CA GLY B 64 33.06 -4.01 23.79
C GLY B 64 31.56 -4.04 23.47
N LYS B 65 30.79 -3.22 24.20
CA LYS B 65 29.37 -3.07 23.89
C LYS B 65 29.16 -2.41 22.53
N MET B 66 27.96 -2.55 22.00
CA MET B 66 27.59 -2.04 20.67
C MET B 66 26.30 -1.23 20.77
N ALA B 67 26.08 -0.36 19.79
CA ALA B 67 24.78 0.30 19.63
C ALA B 67 23.71 -0.70 19.16
N GLY B 68 22.47 -0.42 19.55
CA GLY B 68 21.32 -1.24 19.19
C GLY B 68 20.44 -0.53 18.15
N ILE B 69 19.97 -1.27 17.14
CA ILE B 69 19.23 -0.69 16.00
C ILE B 69 18.00 -1.55 15.76
N VAL B 70 16.84 -0.92 15.52
CA VAL B 70 15.61 -1.60 15.12
C VAL B 70 15.30 -1.20 13.68
N VAL B 71 14.87 -2.19 12.88
CA VAL B 71 14.48 -1.98 11.48
C VAL B 71 13.02 -2.40 11.32
N ILE B 72 12.21 -1.48 10.78
CA ILE B 72 10.75 -1.65 10.74
C ILE B 72 10.21 -1.48 9.31
N PRO B 73 9.24 -2.35 8.84
CA PRO B 73 8.67 -2.24 7.49
C PRO B 73 7.44 -1.31 7.43
N GLY B 74 6.80 -1.26 6.26
CA GLY B 74 5.69 -0.38 6.02
C GLY B 74 4.33 -1.06 6.08
N TYR B 75 3.33 -0.28 5.67
CA TYR B 75 1.94 -0.74 5.69
C TYR B 75 1.74 -1.93 4.75
N LEU B 76 1.00 -2.94 5.26
CA LEU B 76 0.75 -4.22 4.60
C LEU B 76 1.95 -5.16 4.56
N SER B 77 3.08 -4.81 5.19
CA SER B 77 4.31 -5.54 4.94
C SER B 77 4.83 -6.25 6.19
N ARG B 78 5.57 -7.33 5.95
CA ARG B 78 6.15 -8.15 7.00
C ARG B 78 7.67 -7.88 7.13
N GLU B 79 8.24 -8.42 8.22
CA GLU B 79 9.68 -8.33 8.51
C GLU B 79 10.51 -8.70 7.30
N SER B 80 10.10 -9.73 6.55
CA SER B 80 10.91 -10.21 5.41
C SER B 80 11.27 -9.08 4.44
N SER B 81 10.42 -8.06 4.33
CA SER B 81 10.62 -6.99 3.35
C SER B 81 11.87 -6.15 3.64
N ILE B 82 12.28 -6.04 4.91
CA ILE B 82 13.42 -5.21 5.31
C ILE B 82 14.55 -6.03 5.93
N LYS B 83 14.45 -7.37 5.88
CA LYS B 83 15.40 -8.20 6.65
C LYS B 83 16.84 -8.09 6.16
N TRP B 84 17.06 -7.74 4.88
CA TRP B 84 18.41 -7.55 4.34
C TRP B 84 19.25 -6.60 5.20
N TRP B 85 18.62 -5.57 5.79
CA TRP B 85 19.35 -4.62 6.64
C TRP B 85 19.89 -5.24 7.94
N GLY B 86 19.31 -6.34 8.43
CA GLY B 86 19.80 -7.01 9.61
C GLY B 86 21.25 -7.46 9.51
N PRO B 87 21.56 -8.40 8.60
CA PRO B 87 22.95 -8.85 8.46
C PRO B 87 23.87 -7.75 7.96
N ARG B 88 23.37 -6.84 7.11
CA ARG B 88 24.29 -5.86 6.52
C ARG B 88 24.83 -4.93 7.59
N LEU B 89 23.98 -4.48 8.50
CA LEU B 89 24.45 -3.64 9.60
C LEU B 89 25.14 -4.47 10.68
N ALA B 90 24.59 -5.64 11.05
CA ALA B 90 25.16 -6.35 12.20
C ALA B 90 26.57 -6.84 11.89
N SER B 91 26.86 -7.20 10.64
CA SER B 91 28.19 -7.69 10.23
C SER B 91 29.26 -6.62 10.31
N HIS B 92 28.89 -5.35 10.52
CA HIS B 92 29.80 -4.25 10.76
C HIS B 92 29.87 -3.82 12.23
N GLY B 93 29.25 -4.58 13.15
CA GLY B 93 29.40 -4.31 14.58
C GLY B 93 28.26 -3.58 15.25
N PHE B 94 27.02 -4.07 15.07
CA PHE B 94 25.83 -3.52 15.70
C PHE B 94 24.92 -4.67 16.08
N VAL B 95 24.07 -4.47 17.11
CA VAL B 95 23.02 -5.43 17.42
C VAL B 95 21.76 -4.90 16.77
N VAL B 96 21.19 -5.67 15.84
CA VAL B 96 20.17 -5.16 14.90
C VAL B 96 18.95 -6.10 14.90
N MET B 97 17.79 -5.57 15.28
CA MET B 97 16.57 -6.37 15.31
C MET B 97 15.64 -5.90 14.21
N THR B 98 15.32 -6.80 13.27
CA THR B 98 14.34 -6.56 12.21
C THR B 98 12.99 -7.04 12.73
N ILE B 99 11.93 -6.22 12.60
CA ILE B 99 10.70 -6.53 13.33
C ILE B 99 9.49 -6.65 12.43
N ASP B 100 8.47 -7.36 12.97
CA ASP B 100 7.08 -7.20 12.54
C ASP B 100 6.39 -6.25 13.50
N THR B 101 5.36 -5.54 12.98
CA THR B 101 4.47 -4.79 13.85
C THR B 101 3.37 -5.72 14.40
N ASN B 102 2.58 -5.18 15.34
CA ASN B 102 1.48 -5.95 15.92
C ASN B 102 0.52 -6.47 14.85
N THR B 103 0.15 -5.61 13.88
CA THR B 103 -0.56 -6.05 12.69
C THR B 103 0.00 -5.29 11.50
N ILE B 104 -0.20 -5.85 10.31
CA ILE B 104 0.29 -5.21 9.08
C ILE B 104 -0.50 -3.95 8.77
N TYR B 105 -1.64 -3.75 9.41
CA TYR B 105 -2.46 -2.58 9.18
C TYR B 105 -2.10 -1.43 10.10
N ASP B 106 -1.03 -1.55 10.88
CA ASP B 106 -0.78 -0.54 11.89
C ASP B 106 -0.41 0.79 11.27
N GLN B 107 -0.84 1.85 11.93
CA GLN B 107 -0.80 3.22 11.46
C GLN B 107 0.50 3.90 11.86
N PRO B 108 0.76 5.09 11.33
CA PRO B 108 2.07 5.73 11.55
C PRO B 108 2.48 5.90 13.02
N SER B 109 1.59 6.42 13.85
CA SER B 109 1.95 6.66 15.26
C SER B 109 2.11 5.34 16.02
N GLN B 110 1.32 4.32 15.64
CA GLN B 110 1.51 2.98 16.19
C GLN B 110 2.90 2.42 15.86
N ARG B 111 3.38 2.63 14.61
CA ARG B 111 4.73 2.22 14.25
C ARG B 111 5.79 2.96 15.08
N ARG B 112 5.63 4.27 15.25
N ARG B 112 5.61 4.27 15.28
CA ARG B 112 6.51 5.04 16.14
CA ARG B 112 6.53 5.02 16.14
C ARG B 112 6.61 4.38 17.53
C ARG B 112 6.61 4.42 17.54
N ASP B 113 5.45 4.06 18.13
CA ASP B 113 5.44 3.46 19.45
C ASP B 113 6.12 2.11 19.48
N GLN B 114 5.93 1.31 18.42
CA GLN B 114 6.49 -0.03 18.40
C GLN B 114 8.00 0.01 18.20
N ILE B 115 8.54 1.00 17.48
CA ILE B 115 10.00 1.13 17.40
C ILE B 115 10.57 1.32 18.80
N GLU B 116 9.96 2.23 19.56
CA GLU B 116 10.42 2.50 20.93
C GLU B 116 10.34 1.26 21.80
N ALA B 117 9.22 0.52 21.71
CA ALA B 117 9.10 -0.69 22.53
C ALA B 117 10.12 -1.74 22.13
N ALA B 118 10.39 -1.86 20.82
CA ALA B 118 11.38 -2.83 20.32
C ALA B 118 12.79 -2.48 20.80
N LEU B 119 13.15 -1.19 20.80
CA LEU B 119 14.44 -0.77 21.35
C LEU B 119 14.54 -1.08 22.84
N GLN B 120 13.46 -0.82 23.61
CA GLN B 120 13.47 -1.17 25.03
C GLN B 120 13.61 -2.68 25.22
N TYR B 121 13.03 -3.47 24.33
CA TYR B 121 13.21 -4.92 24.42
C TYR B 121 14.66 -5.33 24.22
N LEU B 122 15.35 -4.72 23.26
CA LEU B 122 16.79 -5.00 23.08
C LEU B 122 17.57 -4.68 24.37
N VAL B 123 17.30 -3.52 24.97
CA VAL B 123 17.95 -3.15 26.23
C VAL B 123 17.64 -4.19 27.32
N ASN B 124 16.37 -4.59 27.44
CA ASN B 124 16.00 -5.54 28.49
C ASN B 124 16.70 -6.88 28.27
N GLN B 125 16.81 -7.35 27.02
CA GLN B 125 17.51 -8.61 26.78
C GLN B 125 19.02 -8.49 27.07
N SER B 126 19.64 -7.36 26.70
CA SER B 126 21.04 -7.16 27.09
C SER B 126 21.20 -7.16 28.60
N ASN B 127 20.23 -6.61 29.32
CA ASN B 127 20.30 -6.55 30.76
C ASN B 127 19.98 -7.88 31.43
N SER B 128 19.47 -8.87 30.69
N SER B 128 19.51 -8.88 30.68
CA SER B 128 19.11 -10.14 31.28
CA SER B 128 19.11 -10.17 31.22
C SER B 128 20.34 -11.05 31.40
C SER B 128 20.33 -11.08 31.37
N SER B 129 20.21 -12.06 32.25
CA SER B 129 21.31 -13.01 32.48
C SER B 129 21.34 -14.16 31.49
N SER B 130 20.21 -14.48 30.84
CA SER B 130 20.12 -15.69 30.03
C SER B 130 20.01 -15.44 28.53
N SER B 131 19.88 -14.18 28.09
CA SER B 131 19.81 -13.89 26.65
C SER B 131 21.14 -14.16 25.97
N PRO B 132 21.14 -14.64 24.73
CA PRO B 132 22.42 -14.72 23.99
C PRO B 132 23.10 -13.38 23.82
N ILE B 133 22.36 -12.27 23.88
CA ILE B 133 22.94 -10.93 23.76
C ILE B 133 23.19 -10.26 25.12
N SER B 134 23.23 -11.04 26.21
CA SER B 134 23.52 -10.49 27.52
C SER B 134 24.77 -9.63 27.48
N GLY B 135 24.64 -8.38 27.95
CA GLY B 135 25.75 -7.46 28.06
C GLY B 135 26.13 -6.73 26.79
N MET B 136 25.53 -7.06 25.62
CA MET B 136 26.09 -6.55 24.38
C MET B 136 25.65 -5.15 23.98
N VAL B 137 24.51 -4.65 24.48
CA VAL B 137 23.92 -3.40 24.00
C VAL B 137 24.24 -2.26 24.96
N ASP B 138 24.78 -1.16 24.44
CA ASP B 138 24.91 0.10 25.19
C ASP B 138 23.57 0.82 25.08
N SER B 139 22.81 0.85 26.17
CA SER B 139 21.46 1.43 26.18
C SER B 139 21.44 2.93 25.90
N SER B 140 22.60 3.61 25.91
CA SER B 140 22.65 5.03 25.60
C SER B 140 22.86 5.29 24.12
N ARG B 141 23.01 4.24 23.30
CA ARG B 141 23.28 4.41 21.86
C ARG B 141 22.30 3.55 21.04
N LEU B 142 21.14 4.13 20.72
CA LEU B 142 20.06 3.41 20.04
C LEU B 142 19.69 4.13 18.75
N ALA B 143 19.27 3.36 17.74
CA ALA B 143 18.96 3.95 16.44
C ALA B 143 17.80 3.21 15.77
N ALA B 144 17.25 3.83 14.73
CA ALA B 144 16.14 3.22 14.00
C ALA B 144 16.31 3.36 12.49
N VAL B 145 15.86 2.32 11.76
CA VAL B 145 15.80 2.31 10.30
C VAL B 145 14.38 1.91 9.94
N GLY B 146 13.71 2.68 9.07
CA GLY B 146 12.33 2.32 8.71
C GLY B 146 12.00 2.53 7.24
N TRP B 147 11.28 1.59 6.62
CA TRP B 147 10.82 1.71 5.24
C TRP B 147 9.37 2.19 5.19
N SER B 148 9.10 3.15 4.30
CA SER B 148 7.73 3.46 3.91
C SER B 148 6.98 4.05 5.12
N MET B 149 5.80 3.53 5.48
CA MET B 149 5.15 4.05 6.68
C MET B 149 6.01 3.82 7.93
N GLY B 150 6.84 2.77 7.92
CA GLY B 150 7.81 2.59 8.99
C GLY B 150 8.89 3.66 9.01
N GLY B 151 9.22 4.20 7.82
CA GLY B 151 10.10 5.36 7.74
C GLY B 151 9.47 6.63 8.29
N GLY B 152 8.15 6.81 8.06
CA GLY B 152 7.46 7.90 8.72
C GLY B 152 7.48 7.76 10.24
N GLY B 153 7.24 6.54 10.73
CA GLY B 153 7.35 6.29 12.17
C GLY B 153 8.74 6.54 12.73
N THR B 154 9.78 6.21 11.95
CA THR B 154 11.15 6.48 12.34
C THR B 154 11.42 7.98 12.43
N LEU B 155 10.97 8.75 11.43
CA LEU B 155 11.13 10.19 11.48
C LEU B 155 10.32 10.81 12.61
N GLN B 156 9.15 10.25 12.91
CA GLN B 156 8.40 10.71 14.08
C GLN B 156 9.16 10.47 15.39
N LEU B 157 9.78 9.29 15.54
CA LEU B 157 10.57 9.04 16.73
C LEU B 157 11.77 9.96 16.79
N ALA B 158 12.43 10.22 15.66
CA ALA B 158 13.54 11.17 15.60
C ALA B 158 13.11 12.56 16.08
N ALA B 159 11.87 12.95 15.73
CA ALA B 159 11.35 14.25 16.15
C ALA B 159 11.05 14.29 17.64
N ASP B 160 10.70 13.14 18.24
CA ASP B 160 10.42 13.09 19.68
C ASP B 160 11.68 12.95 20.52
N GLY B 161 12.79 12.56 19.91
CA GLY B 161 14.01 12.24 20.62
C GLY B 161 13.99 10.80 21.14
N GLY B 162 15.15 10.37 21.64
CA GLY B 162 15.30 9.03 22.19
C GLY B 162 16.09 8.07 21.33
N ILE B 163 16.49 8.46 20.11
CA ILE B 163 17.44 7.72 19.30
C ILE B 163 18.56 8.67 18.93
N LYS B 164 19.73 8.11 18.61
N LYS B 164 19.73 8.09 18.63
CA LYS B 164 20.89 8.93 18.27
CA LYS B 164 20.92 8.85 18.30
C LYS B 164 21.25 8.90 16.79
C LYS B 164 21.20 8.95 16.80
N ALA B 165 20.53 8.13 15.98
CA ALA B 165 20.65 8.21 14.52
C ALA B 165 19.39 7.60 13.92
N ALA B 166 19.03 8.07 12.70
CA ALA B 166 17.86 7.56 11.99
C ALA B 166 18.18 7.41 10.51
N ILE B 167 17.67 6.33 9.90
CA ILE B 167 17.70 6.14 8.45
C ILE B 167 16.28 5.87 7.97
N ALA B 168 15.79 6.67 7.02
CA ALA B 168 14.47 6.47 6.43
C ALA B 168 14.63 5.94 5.02
N LEU B 169 14.00 4.80 4.75
CA LEU B 169 14.05 4.15 3.44
C LEU B 169 12.74 4.45 2.74
N ALA B 170 12.78 5.24 1.65
CA ALA B 170 11.57 5.61 0.91
C ALA B 170 10.42 5.98 1.86
N PRO B 171 10.62 6.96 2.75
CA PRO B 171 9.59 7.24 3.77
C PRO B 171 8.26 7.68 3.18
N TRP B 172 7.20 7.28 3.86
CA TRP B 172 5.83 7.74 3.62
C TRP B 172 5.27 8.33 4.91
N ASN B 173 4.71 9.54 4.84
CA ASN B 173 4.07 10.17 6.00
C ASN B 173 3.15 11.28 5.51
N SER B 174 2.19 11.64 6.36
CA SER B 174 1.40 12.85 6.12
C SER B 174 2.33 14.06 6.01
N SER B 175 1.90 15.03 5.18
CA SER B 175 2.61 16.31 5.05
C SER B 175 2.45 17.20 6.28
N ILE B 176 1.53 16.88 7.19
CA ILE B 176 1.39 17.56 8.46
C ILE B 176 2.17 16.73 9.47
N ASN B 177 3.28 17.28 9.95
CA ASN B 177 4.23 16.53 10.75
C ASN B 177 5.09 17.50 11.53
N ASP B 178 5.88 16.95 12.46
CA ASP B 178 6.81 17.72 13.28
C ASP B 178 8.26 17.52 12.88
N PHE B 179 8.52 17.22 11.60
CA PHE B 179 9.88 16.89 11.20
C PHE B 179 10.80 18.09 11.27
N ASN B 180 10.23 19.30 11.36
CA ASN B 180 11.04 20.50 11.58
C ASN B 180 11.67 20.55 12.97
N ARG B 181 11.32 19.62 13.86
CA ARG B 181 11.91 19.55 15.20
C ARG B 181 13.09 18.59 15.30
N ILE B 182 13.41 17.86 14.23
CA ILE B 182 14.32 16.72 14.33
C ILE B 182 15.74 17.20 14.65
N GLN B 183 16.28 16.74 15.79
CA GLN B 183 17.69 16.98 16.14
C GLN B 183 18.61 15.80 15.85
N VAL B 184 18.04 14.65 15.50
CA VAL B 184 18.78 13.39 15.38
C VAL B 184 19.42 13.33 13.99
N PRO B 185 20.71 13.00 13.88
CA PRO B 185 21.30 12.81 12.56
C PRO B 185 20.49 11.83 11.71
N THR B 186 20.00 12.30 10.57
CA THR B 186 19.02 11.60 9.73
C THR B 186 19.52 11.49 8.30
N LEU B 187 19.58 10.24 7.80
CA LEU B 187 19.86 9.95 6.40
C LEU B 187 18.57 9.46 5.75
N ILE B 188 18.19 10.08 4.63
CA ILE B 188 16.99 9.69 3.88
C ILE B 188 17.42 9.09 2.53
N PHE B 189 17.06 7.83 2.28
CA PHE B 189 17.16 7.24 0.94
C PHE B 189 15.85 7.45 0.20
N ALA B 190 15.93 8.07 -0.98
CA ALA B 190 14.77 8.31 -1.83
C ALA B 190 14.89 7.44 -3.07
N CYS B 191 13.75 7.04 -3.64
CA CYS B 191 13.72 6.18 -4.84
C CYS B 191 13.14 7.01 -5.99
N GLN B 192 13.96 7.27 -7.03
CA GLN B 192 13.64 8.35 -7.97
C GLN B 192 12.24 8.23 -8.58
N LEU B 193 11.84 7.03 -8.97
CA LEU B 193 10.58 6.81 -9.67
C LEU B 193 9.50 6.22 -8.76
N ASP B 194 9.62 6.43 -7.46
CA ASP B 194 8.64 5.94 -6.49
C ASP B 194 7.26 6.47 -6.82
N ALA B 195 6.29 5.54 -6.99
CA ALA B 195 4.90 5.93 -7.23
C ALA B 195 4.02 5.86 -6.00
N ILE B 196 4.51 5.25 -4.92
CA ILE B 196 3.70 5.01 -3.72
C ILE B 196 3.93 6.09 -2.69
N ALA B 197 5.20 6.48 -2.49
CA ALA B 197 5.57 7.62 -1.65
C ALA B 197 6.38 8.55 -2.54
N PRO B 198 5.75 9.21 -3.52
CA PRO B 198 6.54 10.02 -4.48
C PRO B 198 7.50 10.96 -3.78
N VAL B 199 8.74 11.00 -4.28
CA VAL B 199 9.80 11.77 -3.62
C VAL B 199 9.39 13.23 -3.44
N ALA B 200 8.69 13.80 -4.43
CA ALA B 200 8.32 15.20 -4.37
C ALA B 200 7.33 15.51 -3.27
N LEU B 201 6.60 14.50 -2.79
CA LEU B 201 5.59 14.68 -1.76
C LEU B 201 6.01 14.14 -0.42
N HIS B 202 7.04 13.29 -0.36
CA HIS B 202 7.44 12.62 0.87
C HIS B 202 8.93 12.85 1.19
N ALA B 203 9.81 12.00 0.66
CA ALA B 203 11.24 12.08 1.01
C ALA B 203 11.84 13.48 0.87
N SER B 204 11.56 14.18 -0.25
CA SER B 204 12.19 15.49 -0.44
C SER B 204 11.70 16.53 0.53
N PRO B 205 10.39 16.77 0.70
CA PRO B 205 9.98 17.76 1.72
C PRO B 205 10.35 17.37 3.15
N PHE B 206 10.38 16.08 3.47
CA PHE B 206 10.79 15.68 4.82
C PHE B 206 12.24 16.11 5.05
N TYR B 207 13.12 15.79 4.11
CA TYR B 207 14.52 16.20 4.19
C TYR B 207 14.61 17.73 4.35
N ASN B 208 13.88 18.47 3.52
CA ASN B 208 14.00 19.92 3.53
C ASN B 208 13.53 20.52 4.87
N ARG B 209 12.59 19.89 5.56
CA ARG B 209 12.06 20.44 6.81
C ARG B 209 13.05 20.30 7.96
N ILE B 210 13.92 19.30 7.92
CA ILE B 210 14.85 19.04 9.04
C ILE B 210 15.75 20.25 9.23
N PRO B 211 15.96 20.72 10.48
CA PRO B 211 16.83 21.87 10.72
C PRO B 211 18.21 21.76 10.08
N ASN B 212 18.69 22.88 9.54
CA ASN B 212 20.00 22.90 8.91
C ASN B 212 21.15 22.74 9.90
N THR B 213 20.89 22.85 11.19
CA THR B 213 21.91 22.53 12.18
C THR B 213 22.00 21.04 12.50
N THR B 214 21.03 20.21 12.04
CA THR B 214 21.02 18.77 12.32
C THR B 214 21.77 18.04 11.21
N PRO B 215 22.79 17.24 11.50
CA PRO B 215 23.46 16.47 10.43
C PRO B 215 22.46 15.66 9.61
N LYS B 216 22.51 15.81 8.28
CA LYS B 216 21.54 15.13 7.45
C LYS B 216 22.13 14.85 6.08
N ALA B 217 21.51 13.90 5.38
CA ALA B 217 21.91 13.52 4.03
C ALA B 217 20.70 12.95 3.29
N PHE B 218 20.70 13.15 1.96
CA PHE B 218 19.64 12.73 1.05
C PHE B 218 20.30 12.06 -0.16
N PHE B 219 20.05 10.77 -0.35
CA PHE B 219 20.57 10.01 -1.49
C PHE B 219 19.38 9.48 -2.27
N GLU B 220 19.18 9.97 -3.50
CA GLU B 220 18.12 9.47 -4.38
C GLU B 220 18.70 8.47 -5.37
N MET B 221 18.04 7.30 -5.46
CA MET B 221 18.55 6.19 -6.24
C MET B 221 17.89 6.19 -7.64
N THR B 222 18.75 6.24 -8.67
CA THR B 222 18.32 6.39 -10.06
C THR B 222 17.38 5.26 -10.45
N GLY B 223 16.20 5.61 -10.98
CA GLY B 223 15.25 4.63 -11.49
C GLY B 223 14.52 3.86 -10.42
N GLY B 224 14.75 4.13 -9.13
CA GLY B 224 14.22 3.22 -8.12
C GLY B 224 12.71 3.31 -7.96
N ASP B 225 12.09 2.13 -7.79
CA ASP B 225 10.70 2.04 -7.32
C ASP B 225 10.64 2.10 -5.76
N HIS B 226 9.45 1.97 -5.16
CA HIS B 226 9.29 2.15 -3.72
C HIS B 226 10.08 1.13 -2.89
N TRP B 227 10.54 0.02 -3.48
CA TRP B 227 11.30 -1.02 -2.81
C TRP B 227 12.80 -0.82 -2.99
N CYS B 228 13.21 0.30 -3.61
CA CYS B 228 14.62 0.41 -4.02
C CYS B 228 15.60 0.43 -2.84
N ALA B 229 15.16 0.93 -1.70
CA ALA B 229 16.05 1.11 -0.54
C ALA B 229 15.98 -0.08 0.41
N ASN B 230 15.29 -1.16 0.03
CA ASN B 230 15.23 -2.33 0.90
C ASN B 230 16.42 -3.25 0.73
N GLY B 231 17.28 -2.98 -0.23
CA GLY B 231 18.48 -3.80 -0.42
C GLY B 231 18.21 -5.11 -1.19
N GLY B 232 19.25 -5.92 -1.31
CA GLY B 232 19.13 -7.18 -2.03
C GLY B 232 18.79 -6.94 -3.50
N ASN B 233 19.39 -5.92 -4.10
CA ASN B 233 19.00 -5.46 -5.43
C ASN B 233 20.18 -4.72 -6.04
N ILE B 234 19.97 -4.03 -7.17
CA ILE B 234 21.10 -3.35 -7.81
C ILE B 234 21.72 -2.27 -6.94
N TYR B 235 20.96 -1.73 -5.96
CA TYR B 235 21.41 -0.62 -5.11
C TYR B 235 22.17 -1.08 -3.88
N SER B 236 22.37 -2.39 -3.70
N SER B 236 22.29 -2.40 -3.66
CA SER B 236 22.86 -2.92 -2.43
CA SER B 236 22.87 -2.93 -2.41
C SER B 236 24.21 -2.33 -2.02
C SER B 236 24.21 -2.29 -2.03
N ALA B 237 25.14 -2.18 -2.97
CA ALA B 237 26.49 -1.71 -2.63
C ALA B 237 26.46 -0.31 -2.05
N LEU B 238 25.70 0.59 -2.67
CA LEU B 238 25.61 1.97 -2.21
C LEU B 238 24.74 2.11 -0.98
N LEU B 239 23.60 1.41 -0.92
CA LEU B 239 22.79 1.42 0.30
C LEU B 239 23.63 1.01 1.49
N GLY B 240 24.34 -0.12 1.38
CA GLY B 240 25.14 -0.58 2.51
C GLY B 240 26.29 0.35 2.86
N LYS B 241 26.96 0.91 1.83
CA LYS B 241 28.08 1.79 2.12
C LYS B 241 27.63 3.03 2.88
N TYR B 242 26.57 3.70 2.38
CA TYR B 242 26.15 4.93 3.04
C TYR B 242 25.48 4.65 4.38
N GLY B 243 24.70 3.57 4.47
CA GLY B 243 23.98 3.29 5.70
C GLY B 243 24.90 2.87 6.83
N VAL B 244 25.84 1.96 6.55
CA VAL B 244 26.85 1.59 7.55
C VAL B 244 27.67 2.81 7.94
N SER B 245 28.08 3.63 6.97
CA SER B 245 28.86 4.81 7.32
C SER B 245 28.10 5.74 8.24
N TRP B 246 26.79 5.92 8.00
CA TRP B 246 25.98 6.80 8.84
C TRP B 246 25.96 6.30 10.28
N MET B 247 25.74 4.99 10.48
CA MET B 247 25.65 4.46 11.84
C MET B 247 27.02 4.44 12.51
N LYS B 248 28.10 4.13 11.78
CA LYS B 248 29.44 4.19 12.37
C LYS B 248 29.78 5.61 12.81
N LEU B 249 29.51 6.60 11.95
CA LEU B 249 29.88 7.97 12.29
C LEU B 249 29.09 8.49 13.49
N HIS B 250 27.78 8.28 13.49
CA HIS B 250 26.93 8.91 14.47
C HIS B 250 26.70 8.07 15.75
N LEU B 251 26.79 6.75 15.68
CA LEU B 251 26.63 5.91 16.86
C LEU B 251 27.95 5.58 17.52
N ASP B 252 28.98 5.27 16.74
CA ASP B 252 30.31 4.96 17.27
C ASP B 252 31.22 6.16 17.33
N GLN B 253 30.80 7.32 16.82
CA GLN B 253 31.65 8.51 16.74
C GLN B 253 32.95 8.20 16.01
N ASP B 254 32.83 7.38 14.96
CA ASP B 254 33.98 6.80 14.23
C ASP B 254 34.23 7.66 13.00
N THR B 255 35.15 8.61 13.13
CA THR B 255 35.40 9.56 12.07
C THR B 255 36.11 8.95 10.87
N ARG B 256 36.62 7.72 10.96
CA ARG B 256 37.17 7.06 9.78
C ARG B 256 36.09 6.87 8.74
N TYR B 257 34.81 6.93 9.11
CA TYR B 257 33.74 6.77 8.13
C TYR B 257 33.25 8.08 7.54
N ALA B 258 33.59 9.23 8.12
CA ALA B 258 33.19 10.51 7.54
C ALA B 258 33.59 10.72 6.07
N PRO B 259 34.78 10.34 5.61
CA PRO B 259 35.14 10.63 4.20
C PRO B 259 34.27 9.92 3.19
N PHE B 260 33.51 8.89 3.59
CA PHE B 260 32.61 8.22 2.66
C PHE B 260 31.30 8.97 2.49
N LEU B 261 31.00 9.88 3.42
CA LEU B 261 29.78 10.68 3.41
C LEU B 261 30.03 12.12 3.01
N CYS B 262 31.19 12.69 3.37
CA CYS B 262 31.52 14.07 3.07
C CYS B 262 32.83 14.12 2.30
N GLY B 263 32.77 14.63 1.06
CA GLY B 263 33.92 14.65 0.18
C GLY B 263 33.66 14.16 -1.23
N PRO B 264 33.13 12.94 -1.37
CA PRO B 264 32.95 12.38 -2.73
C PRO B 264 31.90 13.13 -3.54
N ASN B 265 32.05 13.03 -4.87
CA ASN B 265 31.06 13.57 -5.79
C ASN B 265 29.98 12.51 -5.97
N HIS B 266 29.07 12.46 -4.99
CA HIS B 266 28.13 11.33 -4.94
C HIS B 266 27.28 11.28 -6.21
N ALA B 267 26.88 12.44 -6.72
CA ALA B 267 25.97 12.49 -7.86
C ALA B 267 26.65 12.11 -9.17
N ALA B 268 27.95 11.88 -9.19
CA ALA B 268 28.60 11.39 -10.42
C ALA B 268 28.37 9.90 -10.65
N GLN B 269 27.80 9.18 -9.71
CA GLN B 269 27.60 7.75 -9.85
C GLN B 269 26.33 7.45 -10.62
N THR B 270 26.39 6.39 -11.44
CA THR B 270 25.22 5.99 -12.20
C THR B 270 23.97 5.90 -11.32
N LEU B 271 24.10 5.31 -10.14
CA LEU B 271 22.92 4.93 -9.37
C LEU B 271 22.44 6.03 -8.43
N ILE B 272 23.07 7.21 -8.42
CA ILE B 272 22.58 8.36 -7.65
C ILE B 272 22.05 9.41 -8.63
N SER B 273 20.74 9.70 -8.56
CA SER B 273 20.10 10.72 -9.38
C SER B 273 20.03 12.09 -8.70
N GLU B 274 20.19 12.15 -7.37
CA GLU B 274 20.34 13.41 -6.63
C GLU B 274 21.01 13.15 -5.30
N TYR B 275 21.84 14.11 -4.87
CA TYR B 275 22.39 14.13 -3.52
C TYR B 275 22.17 15.50 -2.90
N ARG B 276 21.87 15.52 -1.58
CA ARG B 276 21.91 16.74 -0.75
C ARG B 276 22.50 16.40 0.61
N GLY B 277 23.19 17.38 1.21
CA GLY B 277 23.73 17.19 2.55
C GLY B 277 24.15 18.51 3.15
N ASN B 278 24.49 18.46 4.42
CA ASN B 278 25.05 19.66 5.06
C ASN B 278 26.42 19.38 5.68
N CYS B 279 27.28 18.67 4.93
CA CYS B 279 28.68 18.47 5.29
C CYS B 279 29.38 19.81 5.48
N PRO B 280 30.44 19.87 6.32
CA PRO B 280 30.92 18.74 7.12
C PRO B 280 30.14 18.63 8.42
N TYR B 281 30.10 17.44 8.99
CA TYR B 281 29.42 17.21 10.26
C TYR B 281 30.44 17.39 11.38
N GLU B 282 30.15 18.29 12.32
CA GLU B 282 31.04 18.53 13.44
C GLU B 282 30.49 17.94 14.74
C1 EDO C . -1.16 7.15 -1.06
O1 EDO C . -0.14 8.03 -0.49
C2 EDO C . -0.47 5.86 -1.49
O2 EDO C . 0.37 6.10 -2.63
C1 EDO D . -7.19 -0.72 10.43
O1 EDO D . -7.33 -1.98 11.13
C2 EDO D . -5.75 -0.18 10.43
O2 EDO D . -5.36 0.60 11.57
C1 EDO E . -12.46 -5.38 -26.73
O1 EDO E . -12.35 -4.72 -28.00
C2 EDO E . -13.57 -6.42 -26.72
O2 EDO E . -12.94 -7.65 -26.37
C1 EDO F . -26.44 -24.76 -22.57
O1 EDO F . -25.86 -23.48 -22.90
C2 EDO F . -25.89 -25.22 -21.23
O2 EDO F . -26.39 -24.39 -20.17
C1 EDO G . -38.41 12.57 4.51
O1 EDO G . -37.29 13.05 3.76
C2 EDO G . -38.82 11.18 4.03
O2 EDO G . -40.10 10.86 4.58
S SO4 H . -9.40 -8.64 7.06
O1 SO4 H . -10.09 -9.26 8.21
O2 SO4 H . -7.97 -9.01 7.17
O3 SO4 H . -9.51 -7.18 7.10
O4 SO4 H . -9.97 -9.23 5.85
C1 EDO I . 3.96 -1.63 0.37
O1 EDO I . 2.53 -1.86 0.31
C2 EDO I . 4.37 -0.67 1.51
O2 EDO I . 4.73 -1.29 2.78
C1 EDO J . 3.02 3.24 1.77
O1 EDO J . 2.84 1.98 1.08
C2 EDO J . 2.83 3.09 3.29
O2 EDO J . 3.69 2.02 3.77
C1 EDO K . -0.06 7.75 -5.03
O1 EDO K . -1.24 8.28 -4.42
C2 EDO K . 0.99 8.83 -5.18
O2 EDO K . 0.86 9.86 -4.21
C1 EDO L . 0.69 10.05 12.33
O1 EDO L . 1.06 10.82 11.16
C2 EDO L . -0.62 9.30 12.10
O2 EDO L . -0.72 8.15 12.96
C1 EDO M . -5.04 -1.63 13.92
O1 EDO M . -4.17 -0.53 13.67
C2 EDO M . -4.79 -2.70 12.87
O2 EDO M . -5.65 -3.83 13.11
C1 EDO N . 15.57 -7.42 0.55
C1 EDO N . 14.82 -6.78 0.93
O1 EDO N . 15.78 -8.75 0.03
O1 EDO N . 15.75 -7.60 0.22
C2 EDO N . 14.90 -7.49 1.92
C2 EDO N . 15.05 -6.86 2.45
O2 EDO N . 15.36 -6.38 2.73
O2 EDO N . 14.90 -8.18 2.97
C1 EDO O . 30.20 17.06 -0.82
O1 EDO O . 31.02 17.46 0.28
C2 EDO O . 29.53 15.75 -0.47
O2 EDO O . 30.47 14.66 -0.50
C1 EDO P . 17.07 -12.42 34.01
C1 EDO P . 16.89 -12.92 33.30
O1 EDO P . 18.37 -11.84 34.21
O1 EDO P . 17.80 -12.18 34.14
C2 EDO P . 17.16 -13.84 33.48
C2 EDO P . 17.02 -14.41 33.56
O2 EDO P . 17.43 -13.85 32.07
O2 EDO P . 16.84 -14.70 34.94
C1 EDO Q . 23.91 -6.91 31.80
O1 EDO Q . 24.77 -6.00 31.09
C2 EDO Q . 23.90 -8.36 31.29
O2 EDO Q . 25.03 -9.19 31.64
S SO4 R . 25.62 12.92 23.21
O1 SO4 R . 25.66 12.68 24.67
O2 SO4 R . 26.69 12.15 22.57
O3 SO4 R . 25.77 14.36 22.91
O4 SO4 R . 24.31 12.51 22.68
S SO4 S . 23.47 -8.32 -1.90
O1 SO4 S . 22.91 -9.58 -1.39
O2 SO4 S . 24.71 -8.57 -2.64
O3 SO4 S . 22.45 -7.71 -2.80
O4 SO4 S . 23.82 -7.51 -0.74
#